data_7O5F
#
_entry.id   7O5F
#
_cell.length_a   82.749
_cell.length_b   112.429
_cell.length_c   62.668
_cell.angle_alpha   90.000
_cell.angle_beta   90.000
_cell.angle_gamma   90.000
#
_symmetry.space_group_name_H-M   'C 2 2 21'
#
loop_
_entity.id
_entity.type
_entity.pdbx_description
1 polymer '14-3-3 protein sigma'
2 polymer 'Transcription factor p65'
3 non-polymer 'CHLORIDE ION'
4 non-polymer 4-morpholin-4-ylcarbonylbenzaldehyde
5 non-polymer 'MAGNESIUM ION'
6 non-polymer DI(HYDROXYETHYL)ETHER
7 water water
#
loop_
_entity_poly.entity_id
_entity_poly.type
_entity_poly.pdbx_seq_one_letter_code
_entity_poly.pdbx_strand_id
1 'polypeptide(L)'
;GAMGSMERASLIQKAKLAEQAERYEDMAAFMKGAVEKGEELS(CSO)EERNLLSVAYKNVVGGQRAAWRVLSSIEQKSNE
EGSEEKGPEVREYREKVETELQGVCDTVLGLLDSHLIKEAGDAESRVFYLKMKGDYYRYLAEVATGDDKKRIIDSARSAY
QEAMDISKKEMPPTNPIRLGLALNFSVFHYEIANSPEEAISLAKTTFDEAMADLHTLSEDSYKDSTLIMQLLRDNLTLWT
;
A
2 'polypeptide(L)' EGRSAG(SEP)IPGRRS P
#
loop_
_chem_comp.id
_chem_comp.type
_chem_comp.name
_chem_comp.formula
CL non-polymer 'CHLORIDE ION' 'Cl -1'
MG non-polymer 'MAGNESIUM ION' 'Mg 2'
PEG non-polymer DI(HYDROXYETHYL)ETHER 'C4 H10 O3'
V32 non-polymer 4-morpholin-4-ylcarbonylbenzaldehyde 'C12 H13 N O3'
#
# COMPACT_ATOMS: atom_id res chain seq x y z
N MET A 3 -21.54 2.50 -9.66
CA MET A 3 -22.23 3.19 -8.58
C MET A 3 -22.66 4.56 -9.06
N GLY A 4 -22.85 4.66 -10.37
CA GLY A 4 -23.13 5.94 -10.97
C GLY A 4 -24.39 6.62 -10.49
N SER A 5 -25.38 5.83 -10.05
N SER A 5 -25.37 5.83 -10.05
CA SER A 5 -26.64 6.43 -9.64
CA SER A 5 -26.65 6.40 -9.62
C SER A 5 -26.69 6.79 -8.15
C SER A 5 -26.69 6.80 -8.15
N MET A 6 -25.67 6.47 -7.37
CA MET A 6 -25.66 6.80 -5.95
C MET A 6 -24.92 8.09 -5.66
N GLU A 7 -25.46 8.89 -4.73
CA GLU A 7 -24.80 10.14 -4.33
C GLU A 7 -23.41 9.88 -3.78
N ARG A 8 -22.49 10.80 -4.07
CA ARG A 8 -21.15 10.70 -3.49
C ARG A 8 -21.19 10.56 -1.99
N ALA A 9 -22.00 11.40 -1.31
CA ALA A 9 -22.01 11.35 0.15
C ALA A 9 -22.54 10.00 0.66
N SER A 10 -23.52 9.42 -0.04
CA SER A 10 -24.05 8.12 0.33
C SER A 10 -23.01 7.02 0.14
N LEU A 11 -22.24 7.10 -0.95
CA LEU A 11 -21.14 6.15 -1.13
C LEU A 11 -20.14 6.22 0.02
N ILE A 12 -19.77 7.45 0.42
CA ILE A 12 -18.83 7.60 1.53
C ILE A 12 -19.41 7.04 2.81
N GLN A 13 -20.67 7.39 3.10
CA GLN A 13 -21.33 6.88 4.30
C GLN A 13 -21.39 5.35 4.30
N LYS A 14 -21.73 4.75 3.16
CA LYS A 14 -21.79 3.29 3.09
C LYS A 14 -20.41 2.66 3.15
N ALA A 15 -19.37 3.31 2.62
CA ALA A 15 -18.02 2.79 2.82
C ALA A 15 -17.68 2.70 4.30
N LYS A 16 -18.10 3.70 5.08
CA LYS A 16 -17.82 3.65 6.52
C LYS A 16 -18.59 2.52 7.19
N LEU A 17 -19.85 2.32 6.78
CA LEU A 17 -20.63 1.21 7.32
C LEU A 17 -20.02 -0.13 6.96
N ALA A 18 -19.57 -0.27 5.71
CA ALA A 18 -18.95 -1.52 5.28
C ALA A 18 -17.69 -1.81 6.08
N GLU A 19 -16.90 -0.78 6.38
CA GLU A 19 -15.73 -1.01 7.21
C GLU A 19 -16.15 -1.52 8.59
N GLN A 20 -17.21 -0.94 9.17
CA GLN A 20 -17.65 -1.41 10.48
C GLN A 20 -18.14 -2.85 10.43
N ALA A 21 -18.72 -3.26 9.30
CA ALA A 21 -19.22 -4.61 9.09
C ALA A 21 -18.16 -5.55 8.56
N GLU A 22 -16.93 -5.07 8.41
CA GLU A 22 -15.81 -5.84 7.83
C GLU A 22 -16.19 -6.42 6.47
N ARG A 23 -16.92 -5.63 5.68
CA ARG A 23 -17.29 -5.99 4.31
C ARG A 23 -16.40 -5.19 3.36
N TYR A 24 -15.14 -5.64 3.24
CA TYR A 24 -14.15 -4.82 2.55
C TYR A 24 -14.32 -4.80 1.04
N GLU A 25 -14.84 -5.87 0.44
N GLU A 25 -14.84 -5.86 0.44
CA GLU A 25 -15.15 -5.84 -0.99
CA GLU A 25 -15.14 -5.82 -0.99
C GLU A 25 -16.19 -4.75 -1.29
C GLU A 25 -16.19 -4.74 -1.29
N ASP A 26 -17.25 -4.69 -0.48
CA ASP A 26 -18.25 -3.63 -0.62
C ASP A 26 -17.60 -2.27 -0.40
N MET A 27 -16.79 -2.14 0.66
CA MET A 27 -16.10 -0.89 0.94
C MET A 27 -15.36 -0.39 -0.29
N ALA A 28 -14.61 -1.29 -0.93
CA ALA A 28 -13.80 -0.89 -2.09
C ALA A 28 -14.68 -0.46 -3.26
N ALA A 29 -15.78 -1.18 -3.48
CA ALA A 29 -16.70 -0.79 -4.55
C ALA A 29 -17.33 0.57 -4.28
N PHE A 30 -17.69 0.84 -3.02
CA PHE A 30 -18.25 2.15 -2.69
C PHE A 30 -17.22 3.26 -2.90
N MET A 31 -15.99 3.06 -2.40
CA MET A 31 -14.94 4.06 -2.62
C MET A 31 -14.53 4.19 -4.09
N LYS A 32 -14.54 3.09 -4.86
CA LYS A 32 -14.32 3.23 -6.30
C LYS A 32 -15.40 4.14 -6.91
N GLY A 33 -16.67 3.90 -6.56
CA GLY A 33 -17.72 4.78 -7.03
C GLY A 33 -17.52 6.23 -6.62
N ALA A 34 -17.07 6.46 -5.38
CA ALA A 34 -16.84 7.83 -4.93
C ALA A 34 -15.72 8.51 -5.74
N VAL A 35 -14.63 7.79 -5.98
CA VAL A 35 -13.55 8.34 -6.81
C VAL A 35 -14.08 8.72 -8.19
N GLU A 36 -14.86 7.81 -8.80
CA GLU A 36 -15.34 8.04 -10.15
C GLU A 36 -16.34 9.20 -10.25
N LYS A 37 -16.76 9.77 -9.12
CA LYS A 37 -17.54 11.01 -9.18
C LYS A 37 -16.71 12.18 -9.70
N GLY A 38 -15.39 12.06 -9.66
CA GLY A 38 -14.50 13.01 -10.28
C GLY A 38 -13.98 14.10 -9.37
N GLU A 39 -14.49 14.23 -8.15
CA GLU A 39 -14.00 15.21 -7.20
C GLU A 39 -12.76 14.68 -6.48
N GLU A 40 -11.90 15.61 -6.03
CA GLU A 40 -10.78 15.22 -5.21
C GLU A 40 -11.29 14.58 -3.91
N LEU A 41 -10.41 13.83 -3.25
CA LEU A 41 -10.74 13.16 -2.00
C LEU A 41 -10.13 13.90 -0.82
N SER A 42 -10.89 13.97 0.27
CA SER A 42 -10.38 14.54 1.52
C SER A 42 -9.39 13.58 2.18
N CSO A 43 -8.73 14.02 3.24
CA CSO A 43 -7.80 13.17 3.97
CB CSO A 43 -7.21 13.96 5.14
SG CSO A 43 -6.07 12.99 6.15
C CSO A 43 -8.49 11.89 4.46
O CSO A 43 -7.99 10.77 4.24
OD CSO A 43 -6.98 12.16 7.42
N GLU A 44 -9.64 12.04 5.09
CA GLU A 44 -10.42 10.89 5.59
C GLU A 44 -10.84 9.97 4.46
N GLU A 45 -11.28 10.56 3.35
CA GLU A 45 -11.72 9.77 2.20
C GLU A 45 -10.58 8.99 1.57
N ARG A 46 -9.38 9.61 1.51
CA ARG A 46 -8.22 8.88 1.03
C ARG A 46 -7.95 7.66 1.90
N ASN A 47 -8.06 7.82 3.23
CA ASN A 47 -7.86 6.67 4.12
C ASN A 47 -8.89 5.59 3.84
N LEU A 48 -10.15 5.96 3.61
CA LEU A 48 -11.16 4.94 3.34
C LEU A 48 -10.83 4.16 2.08
N LEU A 49 -10.42 4.86 1.03
CA LEU A 49 -10.02 4.21 -0.21
C LEU A 49 -8.90 3.22 0.03
N SER A 50 -7.87 3.68 0.74
CA SER A 50 -6.68 2.87 1.00
C SER A 50 -7.01 1.66 1.87
N VAL A 51 -7.76 1.87 2.96
CA VAL A 51 -8.11 0.77 3.85
C VAL A 51 -8.90 -0.30 3.12
N ALA A 52 -9.86 0.13 2.29
CA ALA A 52 -10.69 -0.82 1.57
C ALA A 52 -9.84 -1.74 0.69
N TYR A 53 -9.03 -1.15 -0.18
CA TYR A 53 -8.32 -1.98 -1.15
C TYR A 53 -7.18 -2.74 -0.47
N LYS A 54 -6.63 -2.20 0.61
CA LYS A 54 -5.56 -2.92 1.29
C LYS A 54 -6.07 -4.21 1.88
N ASN A 55 -7.29 -4.17 2.43
CA ASN A 55 -7.89 -5.36 2.99
C ASN A 55 -8.22 -6.37 1.90
N VAL A 56 -8.76 -5.88 0.77
CA VAL A 56 -9.15 -6.80 -0.31
C VAL A 56 -7.93 -7.51 -0.86
N VAL A 57 -6.90 -6.74 -1.25
N VAL A 57 -6.91 -6.74 -1.27
CA VAL A 57 -5.72 -7.35 -1.82
CA VAL A 57 -5.70 -7.36 -1.81
C VAL A 57 -4.93 -8.11 -0.75
C VAL A 57 -4.99 -8.15 -0.74
N GLY A 58 -5.04 -7.70 0.52
CA GLY A 58 -4.38 -8.43 1.59
C GLY A 58 -4.90 -9.85 1.72
N GLY A 59 -6.21 -10.04 1.61
CA GLY A 59 -6.76 -11.39 1.61
C GLY A 59 -6.35 -12.19 0.38
N GLN A 60 -6.28 -11.52 -0.77
CA GLN A 60 -5.86 -12.22 -1.99
C GLN A 60 -4.40 -12.62 -1.89
N ARG A 61 -3.54 -11.73 -1.38
CA ARG A 61 -2.13 -12.08 -1.24
C ARG A 61 -1.94 -13.26 -0.30
N ALA A 62 -2.66 -13.25 0.83
CA ALA A 62 -2.56 -14.36 1.77
C ALA A 62 -2.97 -15.66 1.12
N ALA A 63 -4.07 -15.65 0.35
CA ALA A 63 -4.51 -16.87 -0.33
C ALA A 63 -3.50 -17.29 -1.40
N TRP A 64 -2.96 -16.34 -2.16
CA TRP A 64 -1.98 -16.67 -3.17
C TRP A 64 -0.76 -17.34 -2.55
N ARG A 65 -0.31 -16.85 -1.38
CA ARG A 65 0.86 -17.45 -0.74
C ARG A 65 0.57 -18.87 -0.27
N VAL A 66 -0.61 -19.11 0.28
CA VAL A 66 -0.99 -20.48 0.64
C VAL A 66 -0.92 -21.38 -0.57
N LEU A 67 -1.54 -20.96 -1.68
CA LEU A 67 -1.60 -21.81 -2.87
C LEU A 67 -0.24 -21.95 -3.55
N SER A 68 0.55 -20.86 -3.57
N SER A 68 0.55 -20.86 -3.59
CA SER A 68 1.88 -20.95 -4.17
CA SER A 68 1.88 -20.96 -4.18
C SER A 68 2.76 -21.94 -3.40
C SER A 68 2.75 -21.95 -3.40
N SER A 69 2.60 -21.98 -2.08
CA SER A 69 3.37 -22.91 -1.27
C SER A 69 2.96 -24.36 -1.55
N ILE A 70 1.67 -24.62 -1.62
CA ILE A 70 1.21 -25.96 -1.97
C ILE A 70 1.72 -26.36 -3.36
N GLU A 71 1.65 -25.41 -4.30
CA GLU A 71 2.12 -25.70 -5.66
C GLU A 71 3.60 -26.05 -5.69
N GLN A 72 4.40 -25.36 -4.87
CA GLN A 72 5.84 -25.62 -4.85
C GLN A 72 6.14 -26.97 -4.24
N LYS A 73 5.38 -27.37 -3.21
CA LYS A 73 5.58 -28.69 -2.63
C LYS A 73 5.25 -29.79 -3.63
N SER A 74 4.25 -29.58 -4.49
CA SER A 74 3.89 -30.57 -5.48
C SER A 74 4.94 -30.72 -6.57
N ASN A 75 5.76 -29.70 -6.80
CA ASN A 75 6.81 -29.75 -7.82
C ASN A 75 8.16 -30.00 -7.15
N GLU A 76 8.32 -31.23 -6.65
CA GLU A 76 9.55 -31.61 -5.96
C GLU A 76 9.97 -33.03 -6.32
N GLY A 83 -2.15 -33.36 -10.54
CA GLY A 83 -2.89 -32.78 -11.65
C GLY A 83 -2.68 -31.28 -11.79
N PRO A 84 -3.40 -30.66 -12.72
CA PRO A 84 -3.25 -29.20 -12.92
C PRO A 84 -4.01 -28.35 -11.92
N GLU A 85 -4.73 -28.96 -10.96
CA GLU A 85 -5.70 -28.20 -10.18
C GLU A 85 -5.03 -27.11 -9.34
N VAL A 86 -3.92 -27.42 -8.68
CA VAL A 86 -3.32 -26.43 -7.77
C VAL A 86 -2.80 -25.25 -8.56
N ARG A 87 -2.11 -25.51 -9.67
CA ARG A 87 -1.65 -24.44 -10.54
C ARG A 87 -2.83 -23.64 -11.08
N GLU A 88 -3.88 -24.34 -11.55
CA GLU A 88 -5.03 -23.64 -12.11
C GLU A 88 -5.66 -22.71 -11.07
N TYR A 89 -5.80 -23.19 -9.84
CA TYR A 89 -6.47 -22.39 -8.82
C TYR A 89 -5.58 -21.25 -8.33
N ARG A 90 -4.27 -21.49 -8.20
CA ARG A 90 -3.36 -20.39 -7.93
C ARG A 90 -3.44 -19.35 -9.04
N GLU A 91 -3.49 -19.79 -10.30
N GLU A 91 -3.52 -19.81 -10.29
CA GLU A 91 -3.61 -18.86 -11.41
CA GLU A 91 -3.64 -18.91 -11.42
C GLU A 91 -4.91 -18.05 -11.32
C GLU A 91 -4.90 -18.07 -11.31
N LYS A 92 -6.02 -18.68 -10.91
CA LYS A 92 -7.28 -17.95 -10.76
C LYS A 92 -7.16 -16.86 -9.72
N VAL A 93 -6.62 -17.19 -8.55
CA VAL A 93 -6.46 -16.20 -7.49
C VAL A 93 -5.51 -15.10 -7.94
N GLU A 94 -4.42 -15.49 -8.60
CA GLU A 94 -3.43 -14.52 -9.08
C GLU A 94 -4.05 -13.53 -10.06
N THR A 95 -4.87 -14.03 -11.00
CA THR A 95 -5.53 -13.15 -11.94
C THR A 95 -6.49 -12.19 -11.25
N GLU A 96 -7.21 -12.67 -10.24
N GLU A 96 -7.21 -12.68 -10.24
CA GLU A 96 -8.13 -11.79 -9.52
CA GLU A 96 -8.13 -11.81 -9.50
C GLU A 96 -7.36 -10.71 -8.76
C GLU A 96 -7.36 -10.73 -8.75
N LEU A 97 -6.25 -11.11 -8.12
CA LEU A 97 -5.38 -10.14 -7.46
C LEU A 97 -4.86 -9.09 -8.44
N GLN A 98 -4.35 -9.53 -9.59
CA GLN A 98 -3.86 -8.58 -10.58
C GLN A 98 -4.97 -7.64 -11.03
N GLY A 99 -6.21 -8.13 -11.12
CA GLY A 99 -7.29 -7.27 -11.55
C GLY A 99 -7.58 -6.17 -10.55
N VAL A 100 -7.54 -6.51 -9.26
CA VAL A 100 -7.75 -5.50 -8.22
C VAL A 100 -6.62 -4.48 -8.22
N CYS A 101 -5.37 -4.95 -8.32
CA CYS A 101 -4.26 -3.99 -8.40
C CYS A 101 -4.42 -3.07 -9.60
N ASP A 102 -4.78 -3.64 -10.76
CA ASP A 102 -4.96 -2.81 -11.96
C ASP A 102 -6.08 -1.80 -11.73
N THR A 103 -7.13 -2.18 -11.02
CA THR A 103 -8.23 -1.26 -10.76
C THR A 103 -7.77 -0.08 -9.94
N VAL A 104 -7.02 -0.35 -8.86
CA VAL A 104 -6.51 0.73 -8.00
C VAL A 104 -5.58 1.63 -8.80
N LEU A 105 -4.64 1.02 -9.53
CA LEU A 105 -3.72 1.80 -10.33
C LEU A 105 -4.46 2.64 -11.36
N GLY A 106 -5.54 2.10 -11.92
CA GLY A 106 -6.36 2.87 -12.84
C GLY A 106 -7.00 4.07 -12.17
N LEU A 107 -7.46 3.92 -10.92
CA LEU A 107 -8.04 5.05 -10.21
C LEU A 107 -6.99 6.12 -9.95
N LEU A 108 -5.79 5.69 -9.57
CA LEU A 108 -4.73 6.68 -9.31
C LEU A 108 -4.38 7.43 -10.59
N ASP A 109 -4.37 6.73 -11.72
CA ASP A 109 -4.01 7.32 -13.00
C ASP A 109 -5.15 8.11 -13.62
N SER A 110 -6.40 7.88 -13.20
CA SER A 110 -7.57 8.52 -13.80
C SER A 110 -8.58 8.89 -12.70
N HIS A 111 -8.36 10.00 -12.01
CA HIS A 111 -7.29 10.97 -12.26
C HIS A 111 -6.77 11.52 -10.94
N LEU A 112 -6.63 10.64 -9.93
CA LEU A 112 -6.33 11.10 -8.59
C LEU A 112 -4.97 11.80 -8.52
N ILE A 113 -3.94 11.17 -9.11
CA ILE A 113 -2.58 11.69 -8.95
C ILE A 113 -2.44 13.03 -9.66
N LYS A 114 -2.94 13.13 -10.89
CA LYS A 114 -2.71 14.36 -11.64
C LYS A 114 -3.44 15.54 -11.00
N GLU A 115 -4.53 15.31 -10.28
CA GLU A 115 -5.19 16.42 -9.61
C GLU A 115 -4.69 16.64 -8.19
N ALA A 116 -3.72 15.87 -7.72
CA ALA A 116 -3.25 16.00 -6.34
C ALA A 116 -2.09 16.99 -6.28
N GLY A 117 -2.34 18.18 -5.74
CA GLY A 117 -1.33 19.22 -5.66
C GLY A 117 -0.66 19.40 -4.32
N ASP A 118 -1.38 19.14 -3.24
CA ASP A 118 -0.79 19.24 -1.91
C ASP A 118 0.12 18.06 -1.63
N ALA A 119 1.18 18.31 -0.86
CA ALA A 119 2.11 17.24 -0.54
C ALA A 119 1.43 16.05 0.12
N GLU A 120 0.48 16.31 1.05
CA GLU A 120 -0.17 15.22 1.78
C GLU A 120 -0.94 14.30 0.84
N SER A 121 -1.66 14.87 -0.12
CA SER A 121 -2.40 14.01 -1.05
C SER A 121 -1.48 13.37 -2.08
N ARG A 122 -0.53 14.14 -2.62
CA ARG A 122 0.30 13.60 -3.69
C ARG A 122 1.20 12.48 -3.19
N VAL A 123 1.80 12.65 -2.01
CA VAL A 123 2.63 11.59 -1.43
C VAL A 123 1.78 10.37 -1.11
N PHE A 124 0.57 10.60 -0.61
CA PHE A 124 -0.32 9.49 -0.27
C PHE A 124 -0.63 8.64 -1.49
N TYR A 125 -0.99 9.28 -2.60
CA TYR A 125 -1.35 8.52 -3.79
C TYR A 125 -0.13 7.85 -4.40
N LEU A 126 1.04 8.51 -4.36
CA LEU A 126 2.21 7.89 -5.00
C LEU A 126 2.69 6.68 -4.18
N LYS A 127 2.60 6.77 -2.84
CA LYS A 127 2.86 5.60 -2.02
C LYS A 127 1.92 4.46 -2.39
N MET A 128 0.64 4.77 -2.57
CA MET A 128 -0.34 3.80 -3.03
C MET A 128 0.11 3.15 -4.34
N LYS A 129 0.53 3.98 -5.29
CA LYS A 129 0.99 3.47 -6.58
C LYS A 129 2.18 2.53 -6.41
N GLY A 130 3.14 2.91 -5.57
CA GLY A 130 4.25 2.01 -5.29
C GLY A 130 3.80 0.70 -4.68
N ASP A 131 2.85 0.77 -3.75
CA ASP A 131 2.37 -0.43 -3.07
C ASP A 131 1.72 -1.39 -4.05
N TYR A 132 0.83 -0.89 -4.92
CA TYR A 132 0.10 -1.83 -5.77
C TYR A 132 0.97 -2.37 -6.90
N TYR A 133 1.97 -1.62 -7.37
CA TYR A 133 2.98 -2.23 -8.23
C TYR A 133 3.82 -3.25 -7.48
N ARG A 134 4.11 -2.99 -6.20
CA ARG A 134 4.83 -3.99 -5.41
C ARG A 134 4.02 -5.29 -5.31
N TYR A 135 2.71 -5.18 -5.11
CA TYR A 135 1.89 -6.39 -5.06
C TYR A 135 1.90 -7.12 -6.41
N LEU A 136 1.85 -6.37 -7.52
CA LEU A 136 2.01 -7.01 -8.82
C LEU A 136 3.36 -7.68 -8.93
N ALA A 137 4.42 -7.03 -8.44
CA ALA A 137 5.76 -7.63 -8.52
C ALA A 137 5.86 -8.93 -7.73
N GLU A 138 5.11 -9.05 -6.64
CA GLU A 138 5.19 -10.26 -5.80
C GLU A 138 4.82 -11.51 -6.57
N VAL A 139 3.91 -11.39 -7.55
CA VAL A 139 3.44 -12.53 -8.33
C VAL A 139 3.99 -12.55 -9.73
N ALA A 140 4.80 -11.57 -10.11
CA ALA A 140 5.29 -11.46 -11.47
C ALA A 140 6.42 -12.45 -11.70
N THR A 141 6.42 -13.07 -12.87
CA THR A 141 7.44 -14.06 -13.24
C THR A 141 7.85 -13.99 -14.70
N GLY A 142 7.19 -13.17 -15.52
CA GLY A 142 7.41 -13.14 -16.95
C GLY A 142 8.33 -12.02 -17.38
N ASP A 143 8.21 -11.65 -18.65
CA ASP A 143 9.10 -10.67 -19.28
C ASP A 143 8.91 -9.26 -18.76
N ASP A 144 8.00 -9.05 -17.81
CA ASP A 144 7.73 -7.71 -17.31
C ASP A 144 7.87 -7.60 -15.80
N LYS A 145 8.42 -8.61 -15.11
CA LYS A 145 8.70 -8.40 -13.70
C LYS A 145 9.64 -7.23 -13.50
N LYS A 146 10.66 -7.11 -14.35
CA LYS A 146 11.60 -6.00 -14.19
C LYS A 146 10.91 -4.67 -14.39
N ARG A 147 10.03 -4.57 -15.39
CA ARG A 147 9.34 -3.30 -15.61
C ARG A 147 8.38 -2.99 -14.47
N ILE A 148 7.73 -4.01 -13.92
CA ILE A 148 6.82 -3.79 -12.79
C ILE A 148 7.60 -3.29 -11.57
N ILE A 149 8.75 -3.91 -11.30
CA ILE A 149 9.60 -3.48 -10.19
C ILE A 149 10.03 -2.03 -10.37
N ASP A 150 10.43 -1.67 -11.59
CA ASP A 150 10.85 -0.28 -11.79
C ASP A 150 9.68 0.69 -11.66
N SER A 151 8.48 0.26 -12.05
CA SER A 151 7.31 1.11 -11.83
C SER A 151 7.06 1.34 -10.35
N ALA A 152 7.20 0.29 -9.53
CA ALA A 152 7.08 0.46 -8.08
C ALA A 152 8.16 1.40 -7.56
N ARG A 153 9.41 1.16 -7.95
N ARG A 153 9.41 1.15 -7.96
CA ARG A 153 10.52 1.99 -7.47
CA ARG A 153 10.52 1.97 -7.49
C ARG A 153 10.32 3.45 -7.82
C ARG A 153 10.32 3.45 -7.83
N SER A 154 9.89 3.72 -9.06
CA SER A 154 9.76 5.10 -9.50
C SER A 154 8.68 5.84 -8.73
N ALA A 155 7.55 5.17 -8.46
CA ALA A 155 6.48 5.78 -7.67
C ALA A 155 6.96 6.09 -6.25
N TYR A 156 7.56 5.10 -5.60
CA TYR A 156 8.09 5.30 -4.25
C TYR A 156 9.11 6.43 -4.21
N GLN A 157 10.00 6.47 -5.20
CA GLN A 157 11.06 7.47 -5.23
C GLN A 157 10.49 8.87 -5.37
N GLU A 158 9.52 9.07 -6.28
CA GLU A 158 8.91 10.39 -6.39
C GLU A 158 8.23 10.79 -5.09
N ALA A 159 7.53 9.85 -4.45
CA ALA A 159 6.90 10.14 -3.16
C ALA A 159 7.94 10.49 -2.10
N MET A 160 9.06 9.75 -2.06
CA MET A 160 10.14 10.07 -1.13
C MET A 160 10.68 11.48 -1.36
N ASP A 161 10.94 11.81 -2.62
CA ASP A 161 11.51 13.14 -2.90
C ASP A 161 10.58 14.25 -2.41
N ILE A 162 9.27 14.12 -2.65
CA ILE A 162 8.34 15.13 -2.16
C ILE A 162 8.29 15.14 -0.64
N SER A 163 8.22 13.96 -0.02
CA SER A 163 8.04 13.91 1.43
C SER A 163 9.24 14.51 2.16
N LYS A 164 10.44 14.30 1.62
CA LYS A 164 11.61 14.87 2.27
C LYS A 164 11.66 16.39 2.12
N LYS A 165 11.11 16.94 1.04
CA LYS A 165 11.08 18.39 0.88
C LYS A 165 9.93 19.05 1.63
N GLU A 166 8.79 18.38 1.78
CA GLU A 166 7.56 19.05 2.19
C GLU A 166 6.99 18.58 3.52
N MET A 167 7.51 17.52 4.11
CA MET A 167 6.90 17.02 5.33
C MET A 167 7.95 16.89 6.43
N PRO A 168 7.56 17.06 7.68
CA PRO A 168 8.49 16.83 8.79
C PRO A 168 8.84 15.35 8.89
N PRO A 169 10.00 15.03 9.49
CA PRO A 169 10.44 13.63 9.54
C PRO A 169 9.52 12.73 10.34
N THR A 170 8.64 13.28 11.16
CA THR A 170 7.71 12.48 11.95
C THR A 170 6.35 12.32 11.29
N ASN A 171 6.13 12.92 10.13
CA ASN A 171 4.82 12.84 9.50
C ASN A 171 4.43 11.37 9.24
N PRO A 172 3.27 10.90 9.73
CA PRO A 172 2.96 9.47 9.59
C PRO A 172 2.94 8.96 8.15
N ILE A 173 2.50 9.78 7.20
N ILE A 173 2.51 9.79 7.20
CA ILE A 173 2.56 9.36 5.80
CA ILE A 173 2.55 9.38 5.79
C ILE A 173 4.00 9.22 5.34
C ILE A 173 3.99 9.22 5.34
N ARG A 174 4.86 10.17 5.71
CA ARG A 174 6.28 10.07 5.34
C ARG A 174 6.90 8.83 5.96
N LEU A 175 6.55 8.54 7.22
CA LEU A 175 7.12 7.37 7.90
C LEU A 175 6.62 6.07 7.29
N GLY A 176 5.32 5.98 7.00
CA GLY A 176 4.79 4.75 6.40
C GLY A 176 5.29 4.55 4.99
N LEU A 177 5.48 5.63 4.24
CA LEU A 177 6.10 5.53 2.92
C LEU A 177 7.51 4.95 3.03
N ALA A 178 8.32 5.48 3.95
CA ALA A 178 9.67 4.96 4.11
C ALA A 178 9.65 3.51 4.56
N LEU A 179 8.74 3.16 5.46
CA LEU A 179 8.60 1.77 5.88
C LEU A 179 8.34 0.86 4.68
N ASN A 180 7.35 1.20 3.85
CA ASN A 180 6.98 0.31 2.74
C ASN A 180 8.07 0.30 1.65
N PHE A 181 8.71 1.45 1.42
CA PHE A 181 9.83 1.47 0.46
C PHE A 181 10.97 0.59 0.96
N SER A 182 11.21 0.62 2.27
N SER A 182 11.21 0.58 2.28
CA SER A 182 12.21 -0.29 2.86
CA SER A 182 12.25 -0.31 2.79
C SER A 182 11.84 -1.74 2.62
C SER A 182 11.85 -1.77 2.60
N VAL A 183 10.56 -2.09 2.76
CA VAL A 183 10.10 -3.45 2.52
C VAL A 183 10.27 -3.80 1.04
N PHE A 184 9.97 -2.84 0.15
CA PHE A 184 10.24 -3.02 -1.27
C PHE A 184 11.70 -3.38 -1.50
N HIS A 185 12.63 -2.61 -0.91
CA HIS A 185 14.05 -2.89 -1.11
C HIS A 185 14.39 -4.30 -0.65
N TYR A 186 13.87 -4.69 0.51
CA TYR A 186 14.27 -5.95 1.13
C TYR A 186 13.66 -7.14 0.39
N GLU A 187 12.37 -7.04 0.10
CA GLU A 187 11.61 -8.20 -0.37
C GLU A 187 11.55 -8.31 -1.88
N ILE A 188 11.63 -7.20 -2.60
CA ILE A 188 11.39 -7.18 -4.03
C ILE A 188 12.67 -6.91 -4.81
N ALA A 189 13.41 -5.87 -4.42
CA ALA A 189 14.56 -5.41 -5.17
C ALA A 189 15.86 -6.12 -4.79
N ASN A 190 15.82 -7.05 -3.84
CA ASN A 190 17.03 -7.78 -3.43
C ASN A 190 18.12 -6.81 -2.98
N SER A 191 17.73 -5.78 -2.24
CA SER A 191 18.67 -4.77 -1.73
C SER A 191 18.49 -4.65 -0.23
N PRO A 192 18.83 -5.70 0.54
CA PRO A 192 18.62 -5.62 1.99
C PRO A 192 19.43 -4.52 2.65
N GLU A 193 20.63 -4.20 2.15
CA GLU A 193 21.39 -3.13 2.77
C GLU A 193 20.69 -1.79 2.60
N GLU A 194 20.13 -1.55 1.41
CA GLU A 194 19.37 -0.32 1.20
C GLU A 194 18.15 -0.26 2.11
N ALA A 195 17.49 -1.41 2.29
CA ALA A 195 16.33 -1.49 3.17
C ALA A 195 16.69 -1.12 4.60
N ILE A 196 17.78 -1.70 5.11
CA ILE A 196 18.23 -1.45 6.48
C ILE A 196 18.64 0.01 6.64
N SER A 197 19.41 0.53 5.69
N SER A 197 19.41 0.54 5.68
CA SER A 197 19.85 1.92 5.77
CA SER A 197 19.85 1.93 5.78
C SER A 197 18.66 2.87 5.77
C SER A 197 18.67 2.90 5.76
N LEU A 198 17.69 2.65 4.90
CA LEU A 198 16.53 3.54 4.85
C LEU A 198 15.75 3.49 6.17
N ALA A 199 15.52 2.28 6.69
CA ALA A 199 14.75 2.18 7.93
C ALA A 199 15.48 2.84 9.08
N LYS A 200 16.80 2.66 9.16
CA LYS A 200 17.59 3.26 10.24
C LYS A 200 17.59 4.78 10.15
N THR A 201 17.91 5.34 8.98
CA THR A 201 17.92 6.79 8.83
C THR A 201 16.52 7.38 9.07
N THR A 202 15.47 6.70 8.62
CA THR A 202 14.11 7.19 8.86
C THR A 202 13.81 7.22 10.34
N PHE A 203 14.16 6.15 11.04
CA PHE A 203 13.89 6.06 12.48
C PHE A 203 14.65 7.15 13.23
N ASP A 204 15.94 7.30 12.95
CA ASP A 204 16.77 8.24 13.68
C ASP A 204 16.31 9.68 13.44
N GLU A 205 15.94 10.02 12.21
CA GLU A 205 15.53 11.40 11.96
C GLU A 205 14.17 11.68 12.58
N ALA A 206 13.30 10.67 12.66
CA ALA A 206 12.03 10.85 13.37
C ALA A 206 12.27 11.03 14.86
N MET A 207 13.15 10.21 15.45
CA MET A 207 13.39 10.33 16.88
C MET A 207 13.82 11.74 17.26
N ALA A 208 14.65 12.36 16.42
CA ALA A 208 15.16 13.70 16.70
C ALA A 208 14.10 14.79 16.54
N ASP A 209 12.97 14.49 15.90
CA ASP A 209 11.90 15.45 15.69
C ASP A 209 10.73 15.27 16.65
N LEU A 210 10.77 14.22 17.50
CA LEU A 210 9.63 13.92 18.36
C LEU A 210 9.36 15.04 19.36
N HIS A 211 10.39 15.79 19.76
CA HIS A 211 10.21 16.84 20.75
C HIS A 211 9.26 17.93 20.29
N THR A 212 9.01 18.05 18.99
CA THR A 212 8.14 19.09 18.45
C THR A 212 6.65 18.74 18.53
N LEU A 213 6.30 17.52 18.91
CA LEU A 213 4.96 17.00 18.70
C LEU A 213 4.10 17.08 19.96
N SER A 214 2.79 17.18 19.73
CA SER A 214 1.82 17.02 20.79
C SER A 214 1.76 15.55 21.23
N GLU A 215 1.09 15.33 22.36
CA GLU A 215 0.91 13.98 22.88
C GLU A 215 0.25 13.05 21.85
N ASP A 216 -0.77 13.54 21.13
CA ASP A 216 -1.45 12.66 20.18
C ASP A 216 -0.61 12.42 18.93
N SER A 217 0.09 13.45 18.43
CA SER A 217 0.97 13.25 17.29
C SER A 217 2.14 12.35 17.65
N TYR A 218 2.66 12.51 18.87
CA TYR A 218 3.71 11.63 19.37
C TYR A 218 3.29 10.16 19.31
N LYS A 219 2.05 9.87 19.73
CA LYS A 219 1.57 8.48 19.69
C LYS A 219 1.48 7.99 18.25
N ASP A 220 0.98 8.83 17.33
CA ASP A 220 0.89 8.44 15.93
C ASP A 220 2.27 8.10 15.37
N SER A 221 3.25 8.98 15.61
CA SER A 221 4.57 8.79 15.02
C SER A 221 5.33 7.63 15.67
N THR A 222 5.29 7.53 17.01
CA THR A 222 6.06 6.46 17.63
C THR A 222 5.51 5.09 17.26
N LEU A 223 4.21 4.99 16.95
CA LEU A 223 3.67 3.70 16.55
C LEU A 223 4.34 3.22 15.27
N ILE A 224 4.48 4.10 14.28
CA ILE A 224 5.08 3.69 13.02
C ILE A 224 6.59 3.53 13.20
N MET A 225 7.22 4.32 14.07
CA MET A 225 8.64 4.08 14.30
C MET A 225 8.88 2.70 14.89
N GLN A 226 7.96 2.20 15.70
CA GLN A 226 8.14 0.85 16.23
C GLN A 226 8.09 -0.20 15.13
N LEU A 227 7.27 0.04 14.09
CA LEU A 227 7.25 -0.87 12.96
C LEU A 227 8.57 -0.87 12.20
N LEU A 228 9.19 0.31 12.02
CA LEU A 228 10.53 0.35 11.47
C LEU A 228 11.51 -0.43 12.34
N ARG A 229 11.42 -0.23 13.66
N ARG A 229 11.43 -0.25 13.66
CA ARG A 229 12.32 -0.94 14.56
CA ARG A 229 12.36 -0.96 14.54
C ARG A 229 12.10 -2.46 14.49
C ARG A 229 12.12 -2.47 14.48
N ASP A 230 10.85 -2.89 14.40
CA ASP A 230 10.56 -4.33 14.30
C ASP A 230 11.23 -4.94 13.08
N ASN A 231 11.19 -4.24 11.95
CA ASN A 231 11.85 -4.74 10.74
C ASN A 231 13.35 -4.78 10.92
N LEU A 232 13.94 -3.71 11.47
CA LEU A 232 15.38 -3.71 11.68
C LEU A 232 15.81 -4.87 12.57
N THR A 233 15.00 -5.17 13.59
CA THR A 233 15.29 -6.32 14.46
C THR A 233 15.24 -7.62 13.68
N LEU A 234 14.29 -7.74 12.76
CA LEU A 234 14.20 -8.94 11.95
C LEU A 234 15.34 -9.04 10.95
N TRP A 235 15.85 -7.90 10.47
CA TRP A 235 16.83 -7.88 9.39
C TRP A 235 18.27 -7.85 9.86
N THR A 236 18.50 -7.59 11.15
CA THR A 236 19.86 -7.49 11.64
C THR A 236 20.08 -8.38 12.87
N ALA B 5 8.98 -9.50 7.57
CA ALA B 5 9.10 -8.06 7.29
C ALA B 5 7.73 -7.45 7.09
N GLY B 6 7.36 -6.52 7.98
CA GLY B 6 6.03 -5.94 7.95
C GLY B 6 5.95 -4.60 7.23
N SEP B 7 5.02 -4.51 6.29
CA SEP B 7 4.66 -3.22 5.71
CB SEP B 7 4.06 -3.39 4.32
OG SEP B 7 2.89 -4.19 4.46
C SEP B 7 3.63 -2.57 6.65
O SEP B 7 3.25 -3.17 7.65
P SEP B 7 2.31 -4.71 3.05
O1P SEP B 7 3.33 -5.74 2.38
O2P SEP B 7 1.00 -5.50 3.50
O3P SEP B 7 1.95 -3.48 2.11
N ILE B 8 3.19 -1.36 6.31
CA ILE B 8 2.13 -0.69 7.07
C ILE B 8 0.90 -1.57 7.10
N PRO B 9 0.39 -1.88 8.29
CA PRO B 9 -0.81 -2.73 8.36
C PRO B 9 -1.98 -2.13 7.61
N GLY B 10 -2.30 -0.87 7.87
CA GLY B 10 -3.27 -0.12 7.09
C GLY B 10 -4.60 -0.82 6.88
N ARG B 11 -4.97 -1.68 7.82
CA ARG B 11 -6.21 -2.45 7.72
C ARG B 11 -7.37 -1.80 8.46
N ARG B 12 -7.12 -0.78 9.29
CA ARG B 12 -8.15 -0.18 10.12
C ARG B 12 -8.09 1.34 10.02
N SER B 13 -9.16 1.94 9.49
CA SER B 13 -9.39 3.39 9.51
C SER B 13 -10.75 3.77 8.93
CL CL C . -9.75 -22.76 -10.89
C01 V32 D . 0.70 4.64 4.36
C02 V32 D . 0.23 4.94 5.79
C03 V32 D . 1.07 5.55 6.70
C04 V32 D . 0.62 5.82 7.99
C05 V32 D . -0.66 5.45 8.36
C06 V32 D . -1.16 5.73 9.79
C08 V32 D . -2.05 4.77 12.02
C09 V32 D . -1.35 3.87 13.04
C11 V32 D . -0.61 2.46 11.30
C12 V32 D . -1.49 3.22 10.32
C14 V32 D . -1.50 4.83 7.43
C15 V32 D . -1.05 4.57 6.15
N07 V32 D . -1.55 4.62 10.67
O10 V32 D . -1.13 2.54 12.61
O13 V32 D . -1.24 6.85 10.16
MG MG E . -24.74 14.54 -6.49
CL CL F . -5.89 19.74 -6.72
C1 PEG G . -1.57 -14.80 -13.95
O1 PEG G . -2.09 -13.57 -14.45
C2 PEG G . -0.42 -15.29 -14.78
O2 PEG G . 0.24 -16.35 -14.10
C3 PEG G . 1.64 -16.41 -14.34
C4 PEG G . 2.29 -17.20 -13.23
O4 PEG G . 3.70 -17.19 -13.31
#